data_3SLF
#
_entry.id   3SLF
#
_cell.length_a   36.716
_cell.length_b   109.996
_cell.length_c   133.072
_cell.angle_alpha   90.00
_cell.angle_beta   90.00
_cell.angle_gamma   90.00
#
_symmetry.space_group_name_H-M   'P 21 21 21'
#
loop_
_entity.id
_entity.type
_entity.pdbx_description
1 polymer 'Aminoglycoside N3-acetyltransferase'
2 non-polymer 'CHLORIDE ION'
3 non-polymer 'ACETYL COENZYME *A'
4 non-polymer URACIL
5 water water
#
_entity_poly.entity_id   1
_entity_poly.type   'polypeptide(L)'
_entity_poly.pdbx_seq_one_letter_code
;SNA(MSE)NDIVASTQLPNTIKTITNDLRKLGLKKG(MSE)TVIVHSSLSSIGWISGGAVAVVEAL(MSE)EVITEEGTI
I(MSE)PTQSSDLSDPKHWSRPPVPEEWWQIIRDNVPAFEPHITPTRA(MSE)GKVVECFRTYPNVVRSNHPLGSFAAWG
RHAEEITVNQSLS(MSE)SLGEESPLRKIYDLDGYILLIGVGYDSNTSVHLSEVRSGACELIKVGAPIIENGERVWKEFV
D(MSE)DYDSDKFVEIGVEFEQKGTVT(MSE)GKIGNAKCRL(MSE)KQRDIVDFGTEWFRKKN
;
_entity_poly.pdbx_strand_id   A,B
#
loop_
_chem_comp.id
_chem_comp.type
_chem_comp.name
_chem_comp.formula
ACO non-polymer 'ACETYL COENZYME *A' 'C23 H38 N7 O17 P3 S'
CL non-polymer 'CHLORIDE ION' 'Cl -1'
URA non-polymer URACIL 'C4 H4 N2 O2'
#
# COMPACT_ATOMS: atom_id res chain seq x y z
N ALA A 3 0.99 5.26 -16.68
CA ALA A 3 2.43 5.49 -16.97
C ALA A 3 2.99 6.61 -16.11
N MSE A 4 4.05 6.30 -15.35
CA MSE A 4 4.91 7.31 -14.72
C MSE A 4 5.56 8.22 -15.76
O MSE A 4 5.89 9.36 -15.47
CB MSE A 4 6.04 6.65 -13.91
CG MSE A 4 5.63 6.25 -12.50
SE MSE A 4 5.47 7.78 -11.28
CE MSE A 4 7.36 8.32 -11.19
N ASN A 5 5.77 7.68 -16.96
CA ASN A 5 6.36 8.45 -18.07
C ASN A 5 5.58 9.72 -18.39
N ASP A 6 4.27 9.56 -18.54
CA ASP A 6 3.38 10.70 -18.79
C ASP A 6 3.38 11.66 -17.62
N ILE A 7 3.44 11.15 -16.40
CA ILE A 7 3.41 12.01 -15.22
C ILE A 7 4.65 12.92 -15.14
N VAL A 8 5.82 12.35 -15.43
CA VAL A 8 7.06 13.14 -15.45
C VAL A 8 7.07 14.14 -16.61
N ALA A 9 6.66 13.69 -17.80
CA ALA A 9 6.56 14.57 -18.98
C ALA A 9 5.66 15.78 -18.74
N SER A 10 4.64 15.62 -17.89
CA SER A 10 3.62 16.65 -17.68
C SER A 10 3.92 17.64 -16.55
N THR A 11 5.08 17.50 -15.91
CA THR A 11 5.44 18.29 -14.74
C THR A 11 6.59 19.23 -15.06
N GLN A 12 6.43 20.51 -14.73
CA GLN A 12 7.44 21.53 -15.00
C GLN A 12 8.59 21.45 -14.00
N LEU A 13 8.27 21.49 -12.71
CA LEU A 13 9.25 21.26 -11.63
C LEU A 13 8.67 20.33 -10.57
N PRO A 14 9.55 19.69 -9.77
CA PRO A 14 9.03 18.74 -8.79
C PRO A 14 8.10 19.37 -7.79
N ASN A 15 7.04 18.64 -7.47
CA ASN A 15 6.23 18.95 -6.33
C ASN A 15 6.93 18.39 -5.12
N THR A 16 6.93 19.14 -4.03
CA THR A 16 7.62 18.70 -2.83
C THR A 16 6.70 18.93 -1.64
N ILE A 17 7.10 18.43 -0.47
CA ILE A 17 6.33 18.72 0.71
C ILE A 17 6.07 20.23 0.78
N LYS A 18 7.13 21.00 0.55
CA LYS A 18 7.07 22.45 0.66
C LYS A 18 6.14 23.15 -0.34
N THR A 19 6.22 22.78 -1.61
CA THR A 19 5.31 23.33 -2.60
C THR A 19 3.87 22.87 -2.32
N ILE A 20 3.69 21.63 -1.87
CA ILE A 20 2.31 21.14 -1.63
C ILE A 20 1.71 21.93 -0.49
N THR A 21 2.49 22.11 0.58
CA THR A 21 2.08 22.87 1.76
C THR A 21 1.64 24.27 1.34
N ASN A 22 2.50 24.94 0.56
CA ASN A 22 2.14 26.22 -0.05
C ASN A 22 0.81 26.25 -0.80
N ASP A 23 0.64 25.30 -1.72
CA ASP A 23 -0.59 25.20 -2.53
C ASP A 23 -1.80 24.99 -1.65
N LEU A 24 -1.67 24.16 -0.63
CA LEU A 24 -2.77 23.85 0.31
C LEU A 24 -3.20 25.09 1.10
N ARG A 25 -2.22 25.83 1.58
CA ARG A 25 -2.52 27.07 2.32
C ARG A 25 -3.16 28.13 1.43
N LYS A 26 -2.63 28.25 0.22
CA LYS A 26 -3.23 29.13 -0.74
C LYS A 26 -4.71 28.84 -0.97
N LEU A 27 -5.05 27.57 -1.08
CA LEU A 27 -6.41 27.14 -1.33
C LEU A 27 -7.33 27.39 -0.14
N GLY A 28 -6.75 27.49 1.05
CA GLY A 28 -7.51 27.80 2.26
C GLY A 28 -7.43 26.79 3.38
N LEU A 29 -6.62 25.73 3.24
CA LEU A 29 -6.41 24.84 4.36
C LEU A 29 -5.59 25.57 5.41
N LYS A 30 -5.89 25.31 6.67
CA LYS A 30 -5.18 26.01 7.76
C LYS A 30 -5.15 25.20 9.03
N LYS A 31 -4.25 25.60 9.93
CA LYS A 31 -4.07 24.91 11.19
C LYS A 31 -5.41 24.86 11.94
N GLY A 32 -5.70 23.71 12.53
CA GLY A 32 -6.90 23.53 13.36
C GLY A 32 -8.11 23.04 12.64
N MSE A 33 -8.09 23.06 11.30
CA MSE A 33 -9.24 22.68 10.51
C MSE A 33 -9.52 21.17 10.60
O MSE A 33 -8.59 20.37 10.71
CB MSE A 33 -8.97 23.10 9.05
CG MSE A 33 -10.01 22.73 8.05
SE MSE A 33 -9.47 23.47 6.26
CE MSE A 33 -9.86 25.30 6.63
N THR A 34 -10.80 20.82 10.55
CA THR A 34 -11.26 19.44 10.39
C THR A 34 -11.52 19.21 8.91
N VAL A 35 -10.84 18.24 8.28
CA VAL A 35 -10.95 18.05 6.83
C VAL A 35 -10.93 16.58 6.41
N ILE A 36 -11.91 16.19 5.62
CA ILE A 36 -11.86 14.93 4.95
C ILE A 36 -11.31 15.11 3.52
N VAL A 37 -10.34 14.27 3.18
CA VAL A 37 -9.58 14.42 1.98
C VAL A 37 -9.78 13.24 1.04
N HIS A 38 -9.93 13.56 -0.23
CA HIS A 38 -10.01 12.55 -1.27
C HIS A 38 -9.00 12.95 -2.35
N SER A 39 -8.20 11.98 -2.83
CA SER A 39 -7.10 12.32 -3.69
C SER A 39 -6.81 11.36 -4.83
N SER A 40 -6.23 11.92 -5.88
CA SER A 40 -5.52 11.19 -6.89
C SER A 40 -4.06 11.70 -6.92
N LEU A 41 -3.12 10.82 -6.63
CA LEU A 41 -1.72 11.21 -6.49
C LEU A 41 -1.20 11.64 -7.85
N SER A 42 -1.49 10.86 -8.89
CA SER A 42 -0.98 11.16 -10.20
C SER A 42 -1.46 12.50 -10.75
N SER A 43 -2.63 12.97 -10.32
CA SER A 43 -3.19 14.25 -10.81
C SER A 43 -2.33 15.48 -10.49
N ILE A 44 -1.55 15.40 -9.44
CA ILE A 44 -0.70 16.51 -8.99
C ILE A 44 0.50 16.80 -9.91
N GLY A 45 0.91 15.80 -10.68
CA GLY A 45 2.23 15.85 -11.33
C GLY A 45 3.26 15.09 -10.51
N TRP A 46 4.53 15.09 -10.93
CA TRP A 46 5.52 14.31 -10.22
C TRP A 46 5.79 14.88 -8.85
N ILE A 47 5.82 14.02 -7.84
CA ILE A 47 6.08 14.46 -6.47
C ILE A 47 7.32 13.79 -5.90
N SER A 48 8.25 14.59 -5.39
CA SER A 48 9.39 14.05 -4.64
C SER A 48 8.94 13.50 -3.28
N GLY A 49 8.92 12.16 -3.16
CA GLY A 49 8.41 11.45 -1.98
C GLY A 49 7.03 10.82 -2.20
N GLY A 50 6.42 11.07 -3.35
CA GLY A 50 5.12 10.48 -3.67
C GLY A 50 4.07 10.67 -2.61
N ALA A 51 3.41 9.58 -2.23
CA ALA A 51 2.29 9.65 -1.27
C ALA A 51 2.71 10.17 0.10
N VAL A 52 3.92 9.85 0.54
CA VAL A 52 4.40 10.36 1.83
C VAL A 52 4.45 11.90 1.88
N ALA A 53 4.91 12.51 0.79
CA ALA A 53 4.99 13.96 0.73
C ALA A 53 3.62 14.64 0.88
N VAL A 54 2.59 14.03 0.31
CA VAL A 54 1.23 14.55 0.39
C VAL A 54 0.70 14.44 1.83
N VAL A 55 0.89 13.29 2.45
CA VAL A 55 0.42 13.07 3.80
C VAL A 55 1.16 14.04 4.71
N GLU A 56 2.48 14.16 4.56
CA GLU A 56 3.26 15.06 5.43
C GLU A 56 2.85 16.52 5.27
N ALA A 57 2.57 16.94 4.03
CA ALA A 57 2.16 18.32 3.74
C ALA A 57 0.83 18.64 4.40
N LEU A 58 -0.11 17.70 4.30
CA LEU A 58 -1.41 17.85 4.92
C LEU A 58 -1.25 17.98 6.43
N MSE A 59 -0.41 17.15 7.03
CA MSE A 59 -0.24 17.17 8.48
C MSE A 59 0.46 18.45 8.93
O MSE A 59 0.16 18.98 10.01
CB MSE A 59 0.54 15.95 8.94
CG MSE A 59 -0.25 14.64 8.85
SE MSE A 59 0.97 13.14 9.23
CE MSE A 59 -0.42 11.73 9.30
N GLU A 60 1.36 18.95 8.09
CA GLU A 60 2.05 20.19 8.36
C GLU A 60 1.10 21.35 8.40
N VAL A 61 0.17 21.41 7.44
CA VAL A 61 -0.77 22.52 7.40
C VAL A 61 -1.84 22.40 8.51
N ILE A 62 -2.41 21.21 8.66
CA ILE A 62 -3.55 21.01 9.55
C ILE A 62 -3.07 20.95 11.00
N THR A 63 -1.93 20.29 11.23
CA THR A 63 -1.34 20.06 12.54
C THR A 63 -2.15 19.09 13.39
N GLU A 64 -1.55 18.63 14.49
CA GLU A 64 -2.23 17.82 15.48
C GLU A 64 -3.41 18.55 16.13
N GLU A 65 -3.42 19.88 16.08
CA GLU A 65 -4.53 20.67 16.63
C GLU A 65 -5.72 20.67 15.68
N GLY A 66 -5.53 20.17 14.46
CA GLY A 66 -6.65 19.97 13.55
C GLY A 66 -6.89 18.48 13.39
N THR A 67 -7.73 18.12 12.42
CA THR A 67 -8.06 16.72 12.17
C THR A 67 -8.14 16.41 10.66
N ILE A 68 -7.45 15.35 10.25
CA ILE A 68 -7.52 14.86 8.89
C ILE A 68 -8.28 13.56 8.94
N ILE A 69 -9.22 13.40 8.01
CA ILE A 69 -9.98 12.17 7.85
C ILE A 69 -9.87 11.72 6.39
N MSE A 70 -9.80 10.40 6.19
CA MSE A 70 -9.89 9.81 4.85
C MSE A 70 -10.70 8.53 4.88
O MSE A 70 -10.65 7.80 5.84
CB MSE A 70 -8.49 9.51 4.27
CG MSE A 70 -7.67 10.74 4.04
SE MSE A 70 -5.96 10.33 3.22
CE MSE A 70 -4.89 11.87 3.86
N PRO A 71 -11.46 8.25 3.82
CA PRO A 71 -12.21 7.02 3.73
C PRO A 71 -11.25 5.87 3.50
N THR A 72 -11.47 4.77 4.21
CA THR A 72 -10.65 3.59 4.17
C THR A 72 -11.54 2.37 3.85
N GLN A 73 -12.36 2.52 2.82
CA GLN A 73 -13.29 1.47 2.40
C GLN A 73 -12.58 0.22 1.90
N SER A 74 -13.20 -0.92 2.17
CA SER A 74 -12.63 -2.19 1.88
C SER A 74 -13.73 -3.08 1.29
N SER A 75 -14.17 -2.72 0.09
CA SER A 75 -15.25 -3.45 -0.59
C SER A 75 -14.81 -4.84 -1.06
N ASP A 76 -13.51 -5.13 -1.02
CA ASP A 76 -12.98 -6.50 -1.20
C ASP A 76 -13.68 -7.51 -0.28
N LEU A 77 -14.21 -7.02 0.83
CA LEU A 77 -14.79 -7.87 1.89
C LEU A 77 -16.31 -7.93 1.80
N SER A 78 -16.89 -7.30 0.79
CA SER A 78 -18.34 -7.23 0.72
C SER A 78 -18.91 -8.48 0.04
N ASP A 79 -20.22 -8.66 0.13
CA ASP A 79 -20.91 -9.80 -0.45
C ASP A 79 -20.79 -9.72 -1.97
N PRO A 80 -20.29 -10.80 -2.61
CA PRO A 80 -19.98 -10.77 -4.03
C PRO A 80 -21.18 -10.79 -5.00
N LYS A 81 -22.38 -11.09 -4.50
CA LYS A 81 -23.61 -11.02 -5.33
C LYS A 81 -23.86 -9.64 -5.93
N HIS A 82 -23.41 -8.60 -5.23
CA HIS A 82 -23.57 -7.20 -5.68
C HIS A 82 -22.34 -6.64 -6.44
N TRP A 83 -21.35 -7.48 -6.75
CA TRP A 83 -20.11 -6.98 -7.38
C TRP A 83 -20.32 -6.77 -8.86
N SER A 84 -19.93 -5.60 -9.36
CA SER A 84 -19.88 -5.34 -10.80
C SER A 84 -18.58 -4.65 -11.26
N ARG A 85 -17.65 -4.43 -10.35
CA ARG A 85 -16.44 -3.65 -10.62
C ARG A 85 -15.12 -4.38 -10.29
N PRO A 86 -14.87 -5.56 -10.87
CA PRO A 86 -15.67 -6.37 -11.78
C PRO A 86 -16.61 -7.32 -11.04
N PRO A 87 -17.59 -7.91 -11.76
CA PRO A 87 -18.33 -9.03 -11.18
C PRO A 87 -17.44 -10.24 -11.16
N VAL A 88 -17.82 -11.21 -10.34
CA VAL A 88 -17.21 -12.55 -10.35
C VAL A 88 -18.32 -13.58 -10.54
N PRO A 89 -17.98 -14.75 -11.12
CA PRO A 89 -19.00 -15.77 -11.39
C PRO A 89 -19.80 -16.14 -10.14
N GLU A 90 -21.06 -16.52 -10.34
CA GLU A 90 -21.96 -16.87 -9.25
C GLU A 90 -21.45 -18.07 -8.47
N GLU A 91 -20.85 -19.02 -9.18
CA GLU A 91 -20.25 -20.21 -8.57
C GLU A 91 -19.15 -19.95 -7.52
N TRP A 92 -18.60 -18.73 -7.45
CA TRP A 92 -17.57 -18.40 -6.45
C TRP A 92 -18.16 -17.81 -5.18
N TRP A 93 -19.40 -17.32 -5.26
CA TRP A 93 -19.96 -16.46 -4.23
C TRP A 93 -19.86 -17.01 -2.80
N GLN A 94 -20.31 -18.24 -2.60
CA GLN A 94 -20.33 -18.85 -1.26
C GLN A 94 -18.94 -19.21 -0.74
N ILE A 95 -17.99 -19.50 -1.63
CA ILE A 95 -16.63 -19.80 -1.16
C ILE A 95 -16.02 -18.54 -0.61
N ILE A 96 -16.34 -17.40 -1.23
CA ILE A 96 -15.87 -16.10 -0.77
C ILE A 96 -16.40 -15.79 0.64
N ARG A 97 -17.69 -16.03 0.87
CA ARG A 97 -18.33 -15.79 2.16
C ARG A 97 -17.69 -16.63 3.23
N ASP A 98 -17.36 -17.87 2.88
CA ASP A 98 -16.78 -18.80 3.85
C ASP A 98 -15.28 -18.56 4.12
N ASN A 99 -14.59 -17.85 3.22
CA ASN A 99 -13.12 -17.75 3.23
C ASN A 99 -12.48 -16.37 3.20
N VAL A 100 -13.19 -15.32 2.81
CA VAL A 100 -12.59 -13.98 2.79
C VAL A 100 -12.20 -13.60 4.23
N PRO A 101 -10.94 -13.13 4.43
CA PRO A 101 -10.51 -12.86 5.81
C PRO A 101 -11.27 -11.69 6.46
N ALA A 102 -11.49 -11.80 7.77
CA ALA A 102 -12.29 -10.81 8.50
C ALA A 102 -11.56 -9.48 8.58
N PHE A 103 -12.35 -8.42 8.68
CA PHE A 103 -11.82 -7.08 8.83
C PHE A 103 -11.01 -6.96 10.13
N GLU A 104 -9.78 -6.46 10.00
CA GLU A 104 -8.97 -6.03 11.14
C GLU A 104 -8.38 -4.66 10.80
N PRO A 105 -8.68 -3.62 11.60
CA PRO A 105 -8.43 -2.24 11.18
C PRO A 105 -6.98 -1.91 10.90
N HIS A 106 -6.06 -2.54 11.62
CA HIS A 106 -4.63 -2.33 11.40
C HIS A 106 -4.13 -3.01 10.11
N ILE A 107 -4.86 -4.02 9.63
CA ILE A 107 -4.38 -4.91 8.58
C ILE A 107 -5.08 -4.73 7.23
N THR A 108 -6.40 -4.77 7.25
CA THR A 108 -7.20 -4.81 6.01
C THR A 108 -6.93 -3.66 5.02
N PRO A 109 -6.36 -3.98 3.83
CA PRO A 109 -6.13 -2.92 2.85
C PRO A 109 -7.41 -2.30 2.32
N THR A 110 -7.31 -1.08 1.82
CA THR A 110 -8.44 -0.42 1.22
C THR A 110 -8.50 -0.82 -0.25
N ARG A 111 -9.64 -0.58 -0.88
CA ARG A 111 -9.78 -0.76 -2.33
C ARG A 111 -10.36 0.49 -2.94
N ALA A 112 -9.70 0.98 -4.01
CA ALA A 112 -10.16 2.14 -4.76
C ALA A 112 -10.06 3.45 -3.99
N MSE A 113 -9.25 3.47 -2.93
CA MSE A 113 -9.10 4.66 -2.13
C MSE A 113 -7.89 5.49 -2.54
O MSE A 113 -7.91 6.70 -2.38
CB MSE A 113 -9.04 4.33 -0.63
CG MSE A 113 -10.29 3.67 -0.13
SE MSE A 113 -11.84 4.83 -0.11
CE MSE A 113 -12.81 4.20 -1.73
N GLY A 114 -6.85 4.84 -3.05
CA GLY A 114 -5.67 5.53 -3.56
C GLY A 114 -4.47 5.37 -2.64
N LYS A 115 -3.28 5.56 -3.19
CA LYS A 115 -2.02 5.40 -2.46
C LYS A 115 -1.89 6.35 -1.26
N VAL A 116 -2.49 7.53 -1.35
CA VAL A 116 -2.36 8.52 -0.27
C VAL A 116 -3.01 7.94 0.97
N VAL A 117 -4.18 7.31 0.77
CA VAL A 117 -4.94 6.69 1.82
C VAL A 117 -4.18 5.50 2.40
N GLU A 118 -3.58 4.69 1.53
CA GLU A 118 -2.79 3.57 2.02
C GLU A 118 -1.61 4.04 2.83
N CYS A 119 -1.00 5.15 2.43
CA CYS A 119 0.08 5.71 3.21
C CYS A 119 -0.48 6.21 4.57
N PHE A 120 -1.47 7.08 4.50
CA PHE A 120 -2.07 7.70 5.69
C PHE A 120 -2.51 6.70 6.78
N ARG A 121 -3.19 5.63 6.39
CA ARG A 121 -3.84 4.78 7.39
C ARG A 121 -2.84 3.99 8.25
N THR A 122 -1.61 3.89 7.77
CA THR A 122 -0.57 3.21 8.53
C THR A 122 0.34 4.18 9.29
N TYR A 123 0.06 5.48 9.24
CA TYR A 123 0.85 6.43 10.01
C TYR A 123 0.64 6.23 11.49
N PRO A 124 1.67 6.57 12.27
CA PRO A 124 1.47 6.56 13.70
C PRO A 124 0.42 7.59 14.12
N ASN A 125 -0.37 7.22 15.12
CA ASN A 125 -1.41 8.05 15.68
C ASN A 125 -2.62 8.22 14.78
N VAL A 126 -2.67 7.47 13.68
CA VAL A 126 -3.85 7.45 12.83
C VAL A 126 -4.72 6.31 13.30
N VAL A 127 -5.98 6.59 13.57
CA VAL A 127 -6.92 5.58 14.07
C VAL A 127 -8.01 5.27 13.03
N ARG A 128 -8.49 4.05 13.02
CA ARG A 128 -9.43 3.62 12.01
C ARG A 128 -10.71 3.14 12.66
N SER A 129 -11.84 3.47 12.06
CA SER A 129 -13.16 3.09 12.58
C SER A 129 -13.41 1.62 12.33
N ASN A 130 -14.43 1.08 12.97
CA ASN A 130 -14.55 -0.38 13.08
C ASN A 130 -15.35 -1.10 11.97
N HIS A 131 -15.85 -0.39 10.98
CA HIS A 131 -16.71 -1.02 9.99
C HIS A 131 -15.93 -1.86 8.96
N PRO A 132 -16.43 -3.08 8.67
CA PRO A 132 -15.70 -3.96 7.74
C PRO A 132 -15.74 -3.55 6.27
N LEU A 133 -16.67 -2.68 5.88
CA LEU A 133 -16.76 -2.22 4.50
C LEU A 133 -16.53 -0.72 4.35
N GLY A 134 -17.02 0.04 5.34
CA GLY A 134 -17.14 1.49 5.22
C GLY A 134 -16.38 2.29 6.26
N SER A 135 -15.18 1.84 6.60
CA SER A 135 -14.40 2.52 7.60
C SER A 135 -13.78 3.80 7.11
N PHE A 136 -13.34 4.61 8.07
CA PHE A 136 -12.60 5.82 7.85
C PHE A 136 -11.38 5.80 8.75
N ALA A 137 -10.35 6.53 8.36
CA ALA A 137 -9.18 6.76 9.21
C ALA A 137 -9.09 8.24 9.52
N ALA A 138 -8.69 8.56 10.75
CA ALA A 138 -8.50 9.92 11.19
C ALA A 138 -7.22 10.14 11.99
N TRP A 139 -6.78 11.38 11.99
CA TRP A 139 -5.58 11.79 12.67
C TRP A 139 -5.78 13.20 13.21
N GLY A 140 -5.41 13.38 14.46
CA GLY A 140 -5.45 14.71 15.10
C GLY A 140 -6.42 14.88 16.25
N ARG A 141 -6.82 16.12 16.47
CA ARG A 141 -7.56 16.49 17.66
C ARG A 141 -8.84 15.65 17.88
N HIS A 142 -9.66 15.53 16.85
CA HIS A 142 -10.96 14.82 16.96
C HIS A 142 -10.93 13.42 16.34
N ALA A 143 -9.73 12.86 16.14
CA ALA A 143 -9.56 11.53 15.54
C ALA A 143 -10.39 10.45 16.23
N GLU A 144 -10.25 10.33 17.54
CA GLU A 144 -10.96 9.32 18.30
C GLU A 144 -12.46 9.53 18.24
N GLU A 145 -12.90 10.75 18.53
CA GLU A 145 -14.31 11.09 18.52
C GLU A 145 -14.99 10.81 17.17
N ILE A 146 -14.32 11.13 16.06
CA ILE A 146 -14.91 10.94 14.74
C ILE A 146 -15.06 9.46 14.37
N THR A 147 -14.07 8.64 14.76
CA THR A 147 -14.01 7.25 14.34
C THR A 147 -14.68 6.25 15.26
N VAL A 148 -15.03 6.60 16.50
CA VAL A 148 -15.58 5.59 17.42
C VAL A 148 -17.05 5.34 17.20
N ASN A 149 -17.48 4.13 17.53
CA ASN A 149 -18.90 3.76 17.55
C ASN A 149 -19.63 3.94 16.22
N GLN A 150 -18.94 3.63 15.11
CA GLN A 150 -19.61 3.54 13.81
C GLN A 150 -20.53 2.33 13.82
N SER A 151 -21.75 2.55 13.34
CA SER A 151 -22.80 1.54 13.28
C SER A 151 -22.54 0.53 12.17
N LEU A 152 -22.84 -0.74 12.38
CA LEU A 152 -22.71 -1.75 11.33
C LEU A 152 -23.75 -1.51 10.22
N SER A 153 -25.00 -1.49 10.62
CA SER A 153 -26.09 -1.08 9.76
C SER A 153 -26.03 0.44 9.50
N MSE A 154 -26.51 0.89 8.34
CA MSE A 154 -26.50 2.33 7.97
C MSE A 154 -25.12 2.96 8.18
O MSE A 154 -24.96 3.97 8.88
CB MSE A 154 -27.56 3.07 8.79
CG MSE A 154 -28.93 2.47 8.67
SE MSE A 154 -29.45 2.40 6.78
CE MSE A 154 -29.19 4.29 6.34
N SER A 155 -24.13 2.37 7.52
CA SER A 155 -22.73 2.64 7.84
C SER A 155 -22.27 4.06 7.59
N LEU A 156 -22.88 4.75 6.62
CA LEU A 156 -22.53 6.13 6.30
C LEU A 156 -23.61 7.12 6.77
N GLY A 157 -24.34 6.76 7.82
CA GLY A 157 -25.52 7.50 8.27
C GLY A 157 -25.25 8.33 9.49
N GLU A 158 -26.27 8.52 10.32
CA GLU A 158 -26.18 9.43 11.46
C GLU A 158 -25.22 8.96 12.57
N GLU A 159 -24.85 7.68 12.56
CA GLU A 159 -23.92 7.15 13.53
C GLU A 159 -22.53 7.01 12.92
N SER A 160 -22.23 7.72 11.86
CA SER A 160 -20.98 7.47 11.17
C SER A 160 -20.05 8.66 11.29
N PRO A 161 -18.77 8.47 10.95
CA PRO A 161 -17.84 9.57 10.84
C PRO A 161 -18.34 10.77 10.01
N LEU A 162 -19.16 10.53 9.00
CA LEU A 162 -19.70 11.62 8.20
C LEU A 162 -20.53 12.60 9.02
N ARG A 163 -21.39 12.06 9.87
CA ARG A 163 -22.19 12.89 10.75
C ARG A 163 -21.30 13.64 11.75
N LYS A 164 -20.20 13.04 12.19
CA LYS A 164 -19.36 13.67 13.20
C LYS A 164 -18.62 14.84 12.56
N ILE A 165 -18.23 14.69 11.30
CA ILE A 165 -17.62 15.80 10.56
C ILE A 165 -18.65 16.93 10.39
N TYR A 166 -19.87 16.54 10.10
CA TYR A 166 -20.95 17.50 9.96
C TYR A 166 -21.08 18.29 11.26
N ASP A 167 -21.14 17.58 12.38
CA ASP A 167 -21.33 18.22 13.67
C ASP A 167 -20.14 19.14 14.04
N LEU A 168 -18.96 18.77 13.56
CA LEU A 168 -17.78 19.62 13.69
C LEU A 168 -17.64 20.81 12.70
N ASP A 169 -18.62 20.98 11.80
CA ASP A 169 -18.57 21.99 10.73
C ASP A 169 -17.28 21.88 9.92
N GLY A 170 -16.93 20.64 9.58
CA GLY A 170 -15.70 20.35 8.88
C GLY A 170 -15.73 20.71 7.42
N TYR A 171 -14.59 20.45 6.75
CA TYR A 171 -14.36 20.74 5.33
C TYR A 171 -14.09 19.45 4.54
N ILE A 172 -14.28 19.52 3.23
CA ILE A 172 -13.96 18.47 2.31
C ILE A 172 -12.93 19.04 1.32
N LEU A 173 -11.84 18.31 1.11
CA LEU A 173 -10.82 18.64 0.12
C LEU A 173 -10.81 17.51 -0.93
N LEU A 174 -11.03 17.88 -2.18
CA LEU A 174 -10.92 16.94 -3.31
C LEU A 174 -9.67 17.34 -4.06
N ILE A 175 -8.70 16.43 -4.18
CA ILE A 175 -7.46 16.71 -4.90
C ILE A 175 -7.49 15.92 -6.20
N GLY A 176 -7.80 16.61 -7.30
CA GLY A 176 -7.82 16.02 -8.65
C GLY A 176 -8.85 14.92 -8.84
N VAL A 177 -9.90 14.93 -8.04
CA VAL A 177 -11.00 13.99 -8.19
C VAL A 177 -12.31 14.76 -8.22
N GLY A 178 -13.38 14.09 -8.66
CA GLY A 178 -14.69 14.70 -8.71
C GLY A 178 -15.63 14.27 -7.59
N TYR A 179 -16.91 14.59 -7.74
CA TYR A 179 -17.88 14.44 -6.68
C TYR A 179 -18.30 12.97 -6.47
N ASP A 180 -18.03 12.12 -7.46
CA ASP A 180 -18.25 10.68 -7.32
C ASP A 180 -17.32 10.09 -6.27
N SER A 181 -16.25 10.83 -5.91
CA SER A 181 -15.40 10.43 -4.80
C SER A 181 -15.74 11.16 -3.48
N ASN A 182 -16.78 11.99 -3.48
CA ASN A 182 -17.14 12.78 -2.31
C ASN A 182 -18.02 11.96 -1.36
N THR A 183 -17.39 11.18 -0.50
CA THR A 183 -18.07 10.25 0.40
C THR A 183 -19.17 10.93 1.21
N SER A 184 -18.98 12.21 1.54
CA SER A 184 -19.87 12.91 2.42
C SER A 184 -21.27 13.01 1.84
N VAL A 185 -21.37 12.96 0.52
CA VAL A 185 -22.69 13.02 -0.13
C VAL A 185 -23.52 11.74 0.15
N HIS A 186 -22.90 10.68 0.66
CA HIS A 186 -23.70 9.53 1.12
C HIS A 186 -24.61 9.87 2.30
N LEU A 187 -24.21 10.83 3.12
CA LEU A 187 -25.02 11.27 4.24
C LEU A 187 -26.27 12.00 3.73
N SER A 188 -26.15 12.69 2.60
CA SER A 188 -27.30 13.23 1.90
C SER A 188 -28.23 12.12 1.47
N GLU A 189 -27.69 11.03 0.93
CA GLU A 189 -28.51 9.86 0.56
C GLU A 189 -29.26 9.36 1.77
N VAL A 190 -28.58 9.24 2.92
CA VAL A 190 -29.25 8.69 4.10
C VAL A 190 -30.39 9.59 4.56
N ARG A 191 -30.09 10.87 4.65
CA ARG A 191 -31.03 11.86 5.12
C ARG A 191 -32.23 12.08 4.21
N SER A 192 -32.06 11.79 2.93
CA SER A 192 -33.13 12.01 1.97
C SER A 192 -33.91 10.74 1.71
N GLY A 193 -33.43 9.61 2.25
CA GLY A 193 -33.99 8.30 1.91
C GLY A 193 -33.88 8.06 0.41
N ALA A 194 -32.75 8.45 -0.18
CA ALA A 194 -32.60 8.45 -1.64
C ALA A 194 -32.53 7.05 -2.25
N CYS A 195 -32.08 6.07 -1.47
CA CYS A 195 -31.79 4.75 -1.99
C CYS A 195 -32.55 3.68 -1.22
N GLU A 196 -32.67 2.50 -1.84
CA GLU A 196 -33.26 1.34 -1.19
C GLU A 196 -32.32 0.74 -0.15
N LEU A 197 -32.91 0.09 0.85
CA LEU A 197 -32.15 -0.74 1.77
C LEU A 197 -31.96 -2.10 1.10
N ILE A 198 -30.80 -2.70 1.32
CA ILE A 198 -30.51 -4.01 0.79
C ILE A 198 -29.83 -4.81 1.89
N LYS A 199 -29.89 -6.13 1.76
CA LYS A 199 -29.23 -7.03 2.69
C LYS A 199 -27.80 -7.18 2.20
N VAL A 200 -26.85 -6.85 3.07
CA VAL A 200 -25.43 -6.93 2.74
C VAL A 200 -24.76 -7.87 3.75
N GLY A 201 -23.46 -8.10 3.59
CA GLY A 201 -22.74 -8.99 4.48
C GLY A 201 -21.28 -8.59 4.49
N ALA A 202 -20.59 -9.00 5.55
CA ALA A 202 -19.17 -8.68 5.74
C ALA A 202 -18.60 -9.63 6.78
N PRO A 203 -17.30 -9.98 6.64
CA PRO A 203 -16.67 -10.86 7.60
C PRO A 203 -16.09 -10.06 8.78
N ILE A 204 -16.53 -10.37 9.99
CA ILE A 204 -16.03 -9.67 11.19
C ILE A 204 -15.53 -10.63 12.25
N ILE A 205 -14.66 -10.11 13.11
CA ILE A 205 -14.32 -10.82 14.35
C ILE A 205 -15.39 -10.49 15.38
N GLU A 206 -16.15 -11.49 15.80
CA GLU A 206 -17.24 -11.29 16.74
C GLU A 206 -17.06 -12.27 17.86
N ASN A 207 -16.96 -11.75 19.09
CA ASN A 207 -16.63 -12.56 20.26
C ASN A 207 -15.47 -13.51 19.97
N GLY A 208 -14.41 -12.99 19.35
CA GLY A 208 -13.17 -13.74 19.16
C GLY A 208 -13.15 -14.83 18.09
N GLU A 209 -14.01 -14.71 17.08
CA GLU A 209 -13.90 -15.61 15.93
C GLU A 209 -14.51 -15.00 14.65
N ARG A 210 -13.97 -15.41 13.50
CA ARG A 210 -14.48 -14.99 12.18
C ARG A 210 -15.93 -15.39 12.00
N VAL A 211 -16.77 -14.40 11.73
CA VAL A 211 -18.18 -14.62 11.46
C VAL A 211 -18.56 -13.86 10.18
N TRP A 212 -19.28 -14.53 9.27
CA TRP A 212 -19.91 -13.85 8.14
C TRP A 212 -21.19 -13.24 8.66
N LYS A 213 -21.18 -11.92 8.78
CA LYS A 213 -22.25 -11.19 9.45
C LYS A 213 -23.18 -10.57 8.40
N GLU A 214 -24.49 -10.81 8.55
CA GLU A 214 -25.52 -10.24 7.69
C GLU A 214 -26.15 -9.02 8.35
N PHE A 215 -26.34 -7.97 7.58
CA PHE A 215 -26.92 -6.74 8.08
C PHE A 215 -27.53 -5.94 6.93
N VAL A 216 -28.13 -4.80 7.25
CA VAL A 216 -28.82 -4.03 6.24
C VAL A 216 -28.14 -2.68 6.10
N ASP A 217 -27.97 -2.27 4.86
CA ASP A 217 -27.43 -0.97 4.60
C ASP A 217 -28.11 -0.40 3.38
N MSE A 218 -27.96 0.90 3.21
CA MSE A 218 -28.48 1.56 2.05
C MSE A 218 -27.68 1.14 0.79
O MSE A 218 -26.48 0.86 0.86
CB MSE A 218 -28.44 3.06 2.27
CG MSE A 218 -29.13 3.81 1.19
SE MSE A 218 -29.58 5.67 1.63
CE MSE A 218 -31.06 5.30 2.88
N ASP A 219 -28.36 1.11 -0.34
CA ASP A 219 -27.70 0.78 -1.61
C ASP A 219 -27.06 2.06 -2.15
N TYR A 220 -25.92 2.43 -1.57
CA TYR A 220 -25.27 3.73 -1.84
C TYR A 220 -24.87 3.82 -3.31
N ASP A 221 -25.08 4.99 -3.94
CA ASP A 221 -24.81 5.16 -5.38
C ASP A 221 -24.18 6.52 -5.78
N SER A 222 -22.85 6.55 -5.85
CA SER A 222 -22.12 7.78 -6.14
C SER A 222 -22.22 8.29 -7.58
N ASP A 223 -22.86 7.53 -8.47
CA ASP A 223 -23.03 7.94 -9.86
C ASP A 223 -24.08 9.06 -10.07
N LYS A 224 -24.83 9.44 -9.03
CA LYS A 224 -25.69 10.63 -9.08
C LYS A 224 -24.94 11.88 -8.57
N PHE A 225 -23.77 11.67 -7.95
CA PHE A 225 -23.07 12.76 -7.24
C PHE A 225 -22.49 13.82 -8.17
N VAL A 226 -21.96 13.39 -9.32
CA VAL A 226 -21.40 14.33 -10.26
C VAL A 226 -22.42 15.40 -10.66
N GLU A 227 -23.62 14.96 -10.99
CA GLU A 227 -24.70 15.89 -11.33
C GLU A 227 -25.03 16.80 -10.16
N ILE A 228 -25.07 16.24 -8.95
CA ILE A 228 -25.34 17.08 -7.76
C ILE A 228 -24.24 18.13 -7.62
N GLY A 229 -23.00 17.73 -7.88
CA GLY A 229 -21.84 18.62 -7.79
C GLY A 229 -21.89 19.80 -8.74
N VAL A 230 -22.31 19.55 -9.98
CA VAL A 230 -22.41 20.58 -10.99
C VAL A 230 -23.46 21.64 -10.59
N GLU A 231 -24.62 21.20 -10.09
CA GLU A 231 -25.62 22.13 -9.62
C GLU A 231 -25.16 22.86 -8.35
N PHE A 232 -24.50 22.14 -7.43
CA PHE A 232 -23.96 22.76 -6.23
C PHE A 232 -23.01 23.90 -6.55
N GLU A 233 -22.09 23.70 -7.49
CA GLU A 233 -21.05 24.72 -7.73
C GLU A 233 -21.57 26.00 -8.43
N GLN A 234 -22.80 25.95 -8.95
CA GLN A 234 -23.49 27.14 -9.44
C GLN A 234 -23.72 28.17 -8.33
N LYS A 235 -23.78 27.71 -7.08
CA LYS A 235 -23.94 28.61 -5.96
C LYS A 235 -22.66 29.39 -5.67
N GLY A 236 -21.50 28.88 -6.09
CA GLY A 236 -20.26 29.65 -5.95
C GLY A 236 -19.62 29.64 -4.56
N THR A 237 -19.86 28.59 -3.79
CA THR A 237 -19.29 28.44 -2.45
C THR A 237 -18.15 27.44 -2.35
N VAL A 238 -17.69 26.91 -3.49
CA VAL A 238 -16.52 26.02 -3.51
C VAL A 238 -15.24 26.80 -3.88
N THR A 239 -14.19 26.66 -3.07
CA THR A 239 -12.91 27.27 -3.43
C THR A 239 -12.15 26.33 -4.36
N MSE A 240 -11.79 26.83 -5.55
CA MSE A 240 -11.09 26.01 -6.52
C MSE A 240 -9.68 26.52 -6.71
O MSE A 240 -9.42 27.72 -6.69
CB MSE A 240 -11.87 25.97 -7.83
CG MSE A 240 -13.37 25.85 -7.60
SE MSE A 240 -14.30 25.06 -9.11
CE MSE A 240 -16.17 25.50 -8.64
N GLY A 241 -8.76 25.59 -6.88
CA GLY A 241 -7.37 25.96 -7.13
C GLY A 241 -6.51 24.75 -7.44
N LYS A 242 -5.22 24.99 -7.62
CA LYS A 242 -4.31 23.95 -8.03
C LYS A 242 -3.39 23.49 -6.90
N ILE A 243 -3.19 22.18 -6.82
CA ILE A 243 -2.05 21.66 -6.11
C ILE A 243 -1.23 20.99 -7.21
N GLY A 244 -0.09 21.58 -7.54
CA GLY A 244 0.67 21.16 -8.72
C GLY A 244 -0.21 21.28 -9.96
N ASN A 245 -0.35 20.20 -10.72
CA ASN A 245 -1.24 20.16 -11.89
C ASN A 245 -2.69 19.83 -11.55
N ALA A 246 -3.00 19.42 -10.32
CA ALA A 246 -4.35 18.94 -10.01
C ALA A 246 -5.37 20.06 -9.77
N LYS A 247 -6.59 19.88 -10.30
CA LYS A 247 -7.72 20.75 -9.97
C LYS A 247 -8.28 20.28 -8.63
N CYS A 248 -8.28 21.19 -7.67
CA CYS A 248 -8.67 20.87 -6.30
C CYS A 248 -9.83 21.77 -5.86
N ARG A 249 -10.61 21.25 -4.93
CA ARG A 249 -11.81 21.88 -4.45
C ARG A 249 -11.87 21.79 -2.95
N LEU A 250 -12.07 22.93 -2.30
CA LEU A 250 -12.27 22.99 -0.87
C LEU A 250 -13.67 23.58 -0.58
N MSE A 251 -14.46 22.86 0.22
CA MSE A 251 -15.81 23.26 0.53
C MSE A 251 -16.18 22.85 1.97
O MSE A 251 -15.55 21.95 2.57
CB MSE A 251 -16.81 22.59 -0.43
CG MSE A 251 -16.99 21.09 -0.15
SE MSE A 251 -17.74 20.09 -1.66
CE MSE A 251 -16.11 20.04 -2.72
N LYS A 252 -17.21 23.50 2.49
CA LYS A 252 -17.72 23.16 3.80
C LYS A 252 -18.58 21.93 3.65
N GLN A 253 -18.41 21.00 4.56
CA GLN A 253 -19.14 19.73 4.44
C GLN A 253 -20.63 19.93 4.63
N ARG A 254 -21.02 20.81 5.57
CA ARG A 254 -22.46 21.00 5.82
C ARG A 254 -23.15 21.57 4.58
N ASP A 255 -22.42 22.41 3.85
CA ASP A 255 -22.93 23.06 2.64
C ASP A 255 -23.34 22.01 1.60
N ILE A 256 -22.42 21.10 1.26
CA ILE A 256 -22.75 20.13 0.23
C ILE A 256 -23.70 19.07 0.79
N VAL A 257 -23.55 18.66 2.05
CA VAL A 257 -24.48 17.66 2.58
C VAL A 257 -25.93 18.18 2.56
N ASP A 258 -26.14 19.40 3.05
CA ASP A 258 -27.46 20.01 3.04
C ASP A 258 -28.00 20.15 1.62
N PHE A 259 -27.17 20.64 0.69
CA PHE A 259 -27.60 20.74 -0.70
C PHE A 259 -28.00 19.39 -1.27
N GLY A 260 -27.21 18.36 -0.98
CA GLY A 260 -27.46 17.02 -1.53
C GLY A 260 -28.78 16.44 -1.01
N THR A 261 -29.03 16.66 0.28
CA THR A 261 -30.25 16.22 0.93
C THR A 261 -31.47 16.88 0.29
N GLU A 262 -31.42 18.21 0.11
CA GLU A 262 -32.54 18.91 -0.52
C GLU A 262 -32.71 18.50 -1.99
N TRP A 263 -31.60 18.19 -2.66
CA TRP A 263 -31.64 17.81 -4.06
C TRP A 263 -32.33 16.45 -4.27
N PHE A 264 -31.93 15.46 -3.49
CA PHE A 264 -32.55 14.15 -3.52
C PHE A 264 -34.04 14.25 -3.19
N ARG A 265 -34.39 14.98 -2.14
CA ARG A 265 -35.81 15.11 -1.75
C ARG A 265 -36.69 15.65 -2.87
N LYS A 266 -36.26 16.72 -3.51
CA LYS A 266 -37.04 17.27 -4.62
C LYS A 266 -36.97 16.39 -5.89
N LYS A 267 -36.06 15.40 -5.85
CA LYS A 267 -35.83 14.37 -6.88
C LYS A 267 -35.09 14.87 -8.11
N MSE B 4 -7.77 -6.94 -14.50
CA MSE B 4 -8.54 -7.53 -13.36
C MSE B 4 -9.64 -8.47 -13.84
O MSE B 4 -9.81 -9.56 -13.29
CB MSE B 4 -9.12 -6.43 -12.47
CG MSE B 4 -9.62 -6.91 -11.10
SE MSE B 4 -8.21 -7.60 -9.84
CE MSE B 4 -9.36 -8.75 -8.75
N ASN B 5 -10.40 -8.06 -14.86
CA ASN B 5 -11.31 -8.96 -15.58
C ASN B 5 -10.55 -10.14 -16.14
N ASP B 6 -9.31 -9.88 -16.52
CA ASP B 6 -8.39 -10.87 -17.08
C ASP B 6 -7.98 -11.90 -16.02
N ILE B 7 -7.72 -11.42 -14.82
CA ILE B 7 -7.36 -12.27 -13.70
C ILE B 7 -8.52 -13.20 -13.36
N VAL B 8 -9.71 -12.63 -13.26
CA VAL B 8 -10.90 -13.40 -12.87
C VAL B 8 -11.22 -14.49 -13.88
N ALA B 9 -11.22 -14.12 -15.17
CA ALA B 9 -11.59 -15.04 -16.25
C ALA B 9 -10.59 -16.20 -16.41
N SER B 10 -9.34 -15.99 -16.02
CA SER B 10 -8.32 -17.03 -16.11
C SER B 10 -8.14 -17.84 -14.82
N THR B 11 -9.09 -17.70 -13.89
CA THR B 11 -9.12 -18.48 -12.64
C THR B 11 -10.29 -19.46 -12.65
N GLN B 12 -10.07 -20.68 -12.17
CA GLN B 12 -11.10 -21.72 -12.16
C GLN B 12 -12.07 -21.57 -10.97
N LEU B 13 -11.59 -21.84 -9.75
CA LEU B 13 -12.30 -21.49 -8.51
C LEU B 13 -11.41 -20.51 -7.75
N PRO B 14 -11.97 -19.81 -6.74
CA PRO B 14 -11.17 -18.81 -6.02
C PRO B 14 -9.98 -19.40 -5.29
N ASN B 15 -8.88 -18.67 -5.27
CA ASN B 15 -7.77 -18.96 -4.38
C ASN B 15 -8.08 -18.34 -3.04
N THR B 16 -7.78 -19.08 -1.97
CA THR B 16 -8.12 -18.68 -0.62
C THR B 16 -6.92 -18.96 0.28
N ILE B 17 -7.02 -18.62 1.56
CA ILE B 17 -5.96 -18.93 2.52
C ILE B 17 -5.72 -20.43 2.58
N LYS B 18 -6.82 -21.17 2.67
CA LYS B 18 -6.78 -22.63 2.71
C LYS B 18 -6.14 -23.30 1.46
N THR B 19 -6.41 -22.78 0.26
CA THR B 19 -5.84 -23.35 -0.96
C THR B 19 -4.39 -22.92 -1.13
N ILE B 20 -4.07 -21.68 -0.77
CA ILE B 20 -2.71 -21.19 -0.91
C ILE B 20 -1.79 -21.92 0.07
N THR B 21 -2.26 -22.11 1.30
CA THR B 21 -1.50 -22.90 2.29
C THR B 21 -1.21 -24.31 1.77
N ASN B 22 -2.23 -24.96 1.21
CA ASN B 22 -2.08 -26.28 0.60
C ASN B 22 -1.04 -26.28 -0.55
N ASP B 23 -1.12 -25.29 -1.45
CA ASP B 23 -0.12 -25.18 -2.54
C ASP B 23 1.32 -24.95 -2.02
N LEU B 24 1.45 -24.16 -0.96
CA LEU B 24 2.76 -23.92 -0.36
C LEU B 24 3.36 -25.20 0.22
N ARG B 25 2.49 -26.05 0.78
CA ARG B 25 2.94 -27.23 1.48
C ARG B 25 3.31 -28.37 0.53
N LYS B 26 2.59 -28.45 -0.59
CA LYS B 26 2.98 -29.38 -1.66
C LYS B 26 4.30 -28.91 -2.27
N LEU B 27 4.48 -27.59 -2.37
CA LEU B 27 5.70 -27.01 -2.92
C LEU B 27 6.93 -27.32 -2.04
N GLY B 28 6.69 -27.64 -0.77
CA GLY B 28 7.76 -28.05 0.15
C GLY B 28 8.07 -27.04 1.24
N LEU B 29 7.26 -25.99 1.37
CA LEU B 29 7.38 -25.10 2.53
C LEU B 29 6.83 -25.80 3.74
N LYS B 30 7.50 -25.61 4.88
CA LYS B 30 7.06 -26.22 6.12
C LYS B 30 7.40 -25.38 7.36
N LYS B 31 6.87 -25.84 8.50
CA LYS B 31 7.03 -25.17 9.79
C LYS B 31 8.50 -25.04 10.15
N GLY B 32 8.87 -23.87 10.69
CA GLY B 32 10.21 -23.63 11.20
C GLY B 32 11.25 -23.16 10.18
N MSE B 33 10.87 -23.13 8.90
CA MSE B 33 11.77 -22.70 7.84
C MSE B 33 12.07 -21.21 7.92
O MSE B 33 11.23 -20.43 8.32
CB MSE B 33 11.16 -22.98 6.47
CG MSE B 33 11.65 -24.21 5.76
SE MSE B 33 10.82 -24.14 3.98
CE MSE B 33 11.53 -25.83 3.29
N THR B 34 13.26 -20.82 7.47
CA THR B 34 13.61 -19.42 7.21
C THR B 34 13.48 -19.19 5.70
N VAL B 35 12.62 -18.27 5.27
CA VAL B 35 12.34 -18.09 3.83
C VAL B 35 12.22 -16.61 3.45
N ILE B 36 12.92 -16.21 2.38
CA ILE B 36 12.74 -14.89 1.77
C ILE B 36 11.86 -15.09 0.56
N VAL B 37 10.81 -14.29 0.49
CA VAL B 37 9.71 -14.50 -0.44
C VAL B 37 9.67 -13.32 -1.39
N HIS B 38 9.48 -13.63 -2.67
CA HIS B 38 9.31 -12.62 -3.70
C HIS B 38 8.07 -13.00 -4.50
N SER B 39 7.17 -12.07 -4.75
CA SER B 39 5.89 -12.45 -5.35
C SER B 39 5.23 -11.45 -6.30
N SER B 40 4.37 -12.00 -7.15
CA SER B 40 3.42 -11.23 -7.96
C SER B 40 2.03 -11.73 -7.60
N LEU B 41 1.22 -10.87 -7.01
CA LEU B 41 -0.11 -11.24 -6.57
C LEU B 41 -1.00 -11.70 -7.73
N SER B 42 -0.99 -10.94 -8.84
CA SER B 42 -1.86 -11.24 -9.98
C SER B 42 -1.54 -12.57 -10.65
N SER B 43 -0.27 -12.97 -10.60
CA SER B 43 0.18 -14.22 -11.22
C SER B 43 -0.55 -15.46 -10.69
N ILE B 44 -1.01 -15.43 -9.46
CA ILE B 44 -1.67 -16.57 -8.84
C ILE B 44 -3.08 -16.85 -9.37
N GLY B 45 -3.75 -15.81 -9.85
CA GLY B 45 -5.16 -15.91 -10.21
C GLY B 45 -5.95 -15.11 -9.19
N TRP B 46 -7.28 -15.18 -9.26
CA TRP B 46 -8.11 -14.40 -8.34
C TRP B 46 -8.02 -14.94 -6.92
N ILE B 47 -7.80 -14.06 -5.94
CA ILE B 47 -7.63 -14.47 -4.55
C ILE B 47 -8.68 -13.83 -3.65
N SER B 48 -9.42 -14.64 -2.91
CA SER B 48 -10.35 -14.12 -1.90
C SER B 48 -9.55 -13.57 -0.72
N GLY B 49 -9.50 -12.25 -0.63
CA GLY B 49 -8.73 -11.55 0.38
C GLY B 49 -7.40 -11.01 -0.12
N GLY B 50 -7.12 -11.13 -1.41
CA GLY B 50 -5.93 -10.55 -2.00
C GLY B 50 -4.65 -10.81 -1.24
N ALA B 51 -3.89 -9.74 -1.01
CA ALA B 51 -2.58 -9.83 -0.36
C ALA B 51 -2.65 -10.39 1.06
N VAL B 52 -3.74 -10.14 1.76
CA VAL B 52 -3.90 -10.61 3.14
C VAL B 52 -3.90 -12.12 3.16
N ALA B 53 -4.62 -12.71 2.21
CA ALA B 53 -4.72 -14.16 2.08
C ALA B 53 -3.35 -14.78 1.86
N VAL B 54 -2.51 -14.15 1.05
CA VAL B 54 -1.19 -14.69 0.79
C VAL B 54 -0.34 -14.62 2.04
N VAL B 55 -0.31 -13.44 2.65
CA VAL B 55 0.46 -13.23 3.86
C VAL B 55 0.04 -14.22 4.96
N GLU B 56 -1.27 -14.36 5.17
CA GLU B 56 -1.76 -15.25 6.23
C GLU B 56 -1.40 -16.70 5.94
N ALA B 57 -1.50 -17.10 4.68
CA ALA B 57 -1.11 -18.45 4.26
C ALA B 57 0.37 -18.72 4.58
N LEU B 58 1.26 -17.83 4.17
CA LEU B 58 2.68 -17.98 4.45
C LEU B 58 2.93 -18.15 5.96
N MSE B 59 2.25 -17.35 6.78
CA MSE B 59 2.41 -17.39 8.23
C MSE B 59 1.87 -18.69 8.85
O MSE B 59 2.48 -19.25 9.76
CB MSE B 59 1.71 -16.21 8.87
CG MSE B 59 2.40 -14.90 8.61
SE MSE B 59 1.42 -13.36 9.33
CE MSE B 59 2.79 -12.01 8.85
N GLU B 60 0.73 -19.16 8.33
CA GLU B 60 0.15 -20.40 8.82
C GLU B 60 1.10 -21.58 8.57
N VAL B 61 1.73 -21.62 7.41
CA VAL B 61 2.68 -22.70 7.12
C VAL B 61 3.97 -22.55 7.93
N ILE B 62 4.59 -21.38 7.89
CA ILE B 62 5.92 -21.20 8.50
C ILE B 62 5.82 -21.17 10.02
N THR B 63 4.77 -20.50 10.52
CA THR B 63 4.54 -20.28 11.96
C THR B 63 5.61 -19.35 12.55
N GLU B 64 5.36 -18.89 13.76
CA GLU B 64 6.30 -18.04 14.49
C GLU B 64 7.61 -18.75 14.86
N GLU B 65 7.63 -20.07 14.73
CA GLU B 65 8.87 -20.85 14.93
C GLU B 65 9.81 -20.73 13.74
N GLY B 66 9.26 -20.41 12.57
CA GLY B 66 10.07 -20.13 11.38
C GLY B 66 10.21 -18.63 11.22
N THR B 67 10.71 -18.20 10.06
CA THR B 67 10.89 -16.77 9.78
C THR B 67 10.60 -16.46 8.30
N ILE B 68 9.85 -15.40 8.06
CA ILE B 68 9.56 -14.97 6.72
C ILE B 68 10.26 -13.64 6.53
N ILE B 69 10.95 -13.49 5.41
CA ILE B 69 11.57 -12.22 5.04
C ILE B 69 11.11 -11.77 3.66
N MSE B 70 10.96 -10.47 3.49
CA MSE B 70 10.72 -9.87 2.18
C MSE B 70 11.53 -8.59 1.97
O MSE B 70 11.75 -7.81 2.91
CB MSE B 70 9.23 -9.58 1.99
CG MSE B 70 8.36 -10.83 2.04
SE MSE B 70 6.45 -10.48 1.66
CE MSE B 70 5.67 -11.96 2.71
N PRO B 71 11.98 -8.36 0.72
CA PRO B 71 12.65 -7.09 0.47
C PRO B 71 11.65 -5.95 0.51
N THR B 72 12.03 -4.85 1.14
CA THR B 72 11.18 -3.67 1.27
C THR B 72 11.92 -2.44 0.75
N GLN B 73 12.46 -2.56 -0.45
CA GLN B 73 13.26 -1.50 -1.06
C GLN B 73 12.42 -0.25 -1.34
N SER B 74 13.07 0.89 -1.27
CA SER B 74 12.42 2.19 -1.40
C SER B 74 13.29 3.08 -2.27
N SER B 75 13.45 2.68 -3.52
CA SER B 75 14.38 3.33 -4.44
C SER B 75 13.91 4.73 -4.79
N ASP B 76 12.64 5.00 -4.50
CA ASP B 76 12.05 6.34 -4.52
C ASP B 76 12.86 7.40 -3.80
N LEU B 77 13.66 6.99 -2.82
CA LEU B 77 14.42 7.90 -1.99
C LEU B 77 15.88 8.09 -2.46
N SER B 78 16.28 7.39 -3.52
CA SER B 78 17.68 7.43 -3.96
C SER B 78 18.08 8.70 -4.71
N ASP B 79 19.37 8.83 -5.01
CA ASP B 79 19.88 9.92 -5.84
C ASP B 79 19.31 9.78 -7.24
N PRO B 80 18.73 10.87 -7.77
CA PRO B 80 18.07 10.77 -9.06
C PRO B 80 19.01 10.78 -10.27
N LYS B 81 20.26 11.20 -10.10
CA LYS B 81 21.22 11.12 -11.22
C LYS B 81 21.29 9.71 -11.83
N HIS B 82 21.06 8.68 -11.02
CA HIS B 82 21.14 7.31 -11.52
C HIS B 82 19.83 6.74 -12.06
N TRP B 83 18.76 7.54 -12.11
CA TRP B 83 17.44 6.99 -12.46
C TRP B 83 17.28 6.74 -13.96
N SER B 84 16.50 5.72 -14.29
CA SER B 84 16.13 5.44 -15.68
C SER B 84 14.75 4.78 -15.84
N ARG B 85 14.04 4.53 -14.74
CA ARG B 85 12.76 3.82 -14.78
C ARG B 85 11.66 4.59 -14.02
N PRO B 86 11.34 5.81 -14.46
CA PRO B 86 11.92 6.60 -15.53
C PRO B 86 13.01 7.54 -14.99
N PRO B 87 13.76 8.20 -15.89
CA PRO B 87 14.71 9.24 -15.50
C PRO B 87 13.99 10.58 -15.43
N VAL B 88 14.59 11.56 -14.76
CA VAL B 88 14.00 12.89 -14.63
C VAL B 88 15.03 13.99 -14.94
N PRO B 89 14.56 15.13 -15.47
CA PRO B 89 15.43 16.25 -15.84
C PRO B 89 16.47 16.61 -14.79
N GLU B 90 17.68 16.92 -15.23
CA GLU B 90 18.82 17.21 -14.35
C GLU B 90 18.57 18.38 -13.40
N GLU B 91 17.87 19.39 -13.90
CA GLU B 91 17.41 20.52 -13.11
C GLU B 91 16.71 20.10 -11.79
N TRP B 92 16.02 18.96 -11.82
CA TRP B 92 15.28 18.48 -10.66
C TRP B 92 16.17 17.79 -9.62
N TRP B 93 17.36 17.35 -10.00
CA TRP B 93 18.11 16.45 -9.15
C TRP B 93 18.40 17.01 -7.77
N GLN B 94 18.90 18.24 -7.72
CA GLN B 94 19.29 18.85 -6.45
C GLN B 94 18.08 19.22 -5.61
N ILE B 95 17.01 19.67 -6.27
CA ILE B 95 15.75 19.89 -5.58
C ILE B 95 15.31 18.61 -4.86
N ILE B 96 15.44 17.48 -5.55
CA ILE B 96 15.04 16.19 -5.02
C ILE B 96 15.84 15.88 -3.75
N ARG B 97 17.16 16.00 -3.86
CA ARG B 97 18.07 15.74 -2.75
C ARG B 97 17.79 16.58 -1.52
N ASP B 98 17.38 17.83 -1.73
CA ASP B 98 17.09 18.72 -0.62
C ASP B 98 15.69 18.57 -0.04
N ASN B 99 14.77 17.89 -0.74
CA ASN B 99 13.35 17.83 -0.30
C ASN B 99 12.70 16.46 -0.07
N VAL B 100 13.22 15.40 -0.70
CA VAL B 100 12.63 14.08 -0.54
C VAL B 100 12.62 13.68 0.95
N PRO B 101 11.49 13.19 1.45
CA PRO B 101 11.36 12.95 2.89
C PRO B 101 12.23 11.82 3.38
N ALA B 102 12.71 11.96 4.62
CA ALA B 102 13.58 10.95 5.23
C ALA B 102 12.89 9.61 5.32
N PHE B 103 13.70 8.57 5.18
CA PHE B 103 13.28 7.20 5.42
C PHE B 103 12.92 7.06 6.89
N GLU B 104 11.77 6.43 7.15
CA GLU B 104 11.35 6.03 8.47
C GLU B 104 10.71 4.67 8.29
N PRO B 105 11.27 3.62 8.93
CA PRO B 105 10.94 2.25 8.57
C PRO B 105 9.47 1.91 8.79
N HIS B 106 8.85 2.56 9.76
CA HIS B 106 7.44 2.36 10.04
C HIS B 106 6.49 3.11 9.11
N ILE B 107 7.03 3.91 8.18
CA ILE B 107 6.22 4.77 7.31
C ILE B 107 6.52 4.59 5.83
N THR B 108 7.80 4.67 5.44
CA THR B 108 8.17 4.75 4.03
C THR B 108 7.66 3.59 3.15
N PRO B 109 6.83 3.91 2.15
CA PRO B 109 6.35 2.86 1.25
C PRO B 109 7.46 2.31 0.37
N THR B 110 7.27 1.05 -0.03
CA THR B 110 8.18 0.39 -0.93
C THR B 110 7.88 0.84 -2.35
N ARG B 111 8.82 0.62 -3.25
CA ARG B 111 8.62 0.83 -4.66
C ARG B 111 8.96 -0.45 -5.40
N ALA B 112 8.04 -0.92 -6.22
CA ALA B 112 8.24 -2.07 -7.08
C ALA B 112 8.38 -3.41 -6.32
N MSE B 113 7.86 -3.49 -5.09
CA MSE B 113 7.95 -4.72 -4.32
C MSE B 113 6.68 -5.58 -4.41
O MSE B 113 6.73 -6.79 -4.27
CB MSE B 113 8.29 -4.42 -2.86
CG MSE B 113 9.65 -3.78 -2.65
SE MSE B 113 11.20 -4.89 -3.16
CE MSE B 113 11.53 -4.24 -4.98
N GLY B 114 5.55 -4.94 -4.65
CA GLY B 114 4.27 -5.65 -4.80
C GLY B 114 3.38 -5.47 -3.58
N LYS B 115 2.09 -5.73 -3.76
CA LYS B 115 1.07 -5.55 -2.73
C LYS B 115 1.24 -6.51 -1.55
N VAL B 116 1.76 -7.71 -1.84
CA VAL B 116 2.04 -8.68 -0.78
C VAL B 116 3.04 -8.09 0.23
N VAL B 117 4.11 -7.48 -0.26
CA VAL B 117 5.10 -6.82 0.61
C VAL B 117 4.50 -5.63 1.35
N GLU B 118 3.74 -4.79 0.66
CA GLU B 118 3.09 -3.64 1.31
C GLU B 118 2.16 -4.09 2.45
N CYS B 119 1.52 -5.24 2.29
CA CYS B 119 0.63 -5.79 3.31
C CYS B 119 1.45 -6.43 4.43
N PHE B 120 2.40 -7.28 4.04
CA PHE B 120 3.36 -7.84 4.98
C PHE B 120 3.95 -6.80 5.92
N ARG B 121 4.49 -5.73 5.37
CA ARG B 121 5.32 -4.84 6.19
C ARG B 121 4.50 -4.08 7.24
N THR B 122 3.18 -4.09 7.08
CA THR B 122 2.28 -3.44 8.03
C THR B 122 1.70 -4.37 9.04
N TYR B 123 1.95 -5.68 8.94
CA TYR B 123 1.42 -6.62 9.93
C TYR B 123 2.03 -6.40 11.29
N PRO B 124 1.26 -6.66 12.35
CA PRO B 124 1.85 -6.53 13.66
C PRO B 124 2.98 -7.55 13.76
N ASN B 125 4.00 -7.20 14.54
CA ASN B 125 5.12 -8.09 14.80
C ASN B 125 6.06 -8.21 13.64
N VAL B 126 5.81 -7.50 12.54
CA VAL B 126 6.74 -7.49 11.42
C VAL B 126 7.76 -6.38 11.65
N VAL B 127 9.04 -6.72 11.62
CA VAL B 127 10.07 -5.72 11.85
C VAL B 127 10.80 -5.42 10.56
N ARG B 128 11.29 -4.20 10.43
CA ARG B 128 11.94 -3.75 9.20
C ARG B 128 13.29 -3.12 9.51
N SER B 129 14.27 -3.38 8.65
CA SER B 129 15.62 -2.87 8.85
C SER B 129 15.68 -1.38 8.47
N ASN B 130 16.79 -0.74 8.83
CA ASN B 130 16.81 0.71 8.85
C ASN B 130 17.48 1.36 7.63
N HIS B 131 17.78 0.57 6.60
CA HIS B 131 18.48 1.10 5.44
C HIS B 131 17.51 1.92 4.60
N PRO B 132 17.92 3.15 4.22
CA PRO B 132 16.98 4.05 3.51
C PRO B 132 16.60 3.65 2.07
N LEU B 133 17.37 2.75 1.46
CA LEU B 133 17.10 2.27 0.10
C LEU B 133 16.86 0.76 -0.01
N GLY B 134 17.59 -0.03 0.77
CA GLY B 134 17.60 -1.51 0.66
C GLY B 134 17.12 -2.25 1.89
N SER B 135 16.15 -1.70 2.62
CA SER B 135 15.64 -2.34 3.82
C SER B 135 14.98 -3.67 3.47
N PHE B 136 14.81 -4.51 4.49
CA PHE B 136 14.07 -5.77 4.44
C PHE B 136 13.09 -5.80 5.63
N ALA B 137 12.00 -6.55 5.49
CA ALA B 137 11.08 -6.80 6.57
C ALA B 137 11.06 -8.28 6.90
N ALA B 138 10.94 -8.59 8.19
CA ALA B 138 11.00 -9.97 8.69
C ALA B 138 9.94 -10.24 9.76
N TRP B 139 9.53 -11.49 9.86
CA TRP B 139 8.54 -11.94 10.83
C TRP B 139 8.91 -13.31 11.30
N GLY B 140 8.78 -13.55 12.61
CA GLY B 140 9.04 -14.86 13.20
C GLY B 140 10.31 -14.93 14.04
N ARG B 141 10.80 -16.17 14.24
CA ARG B 141 11.83 -16.51 15.24
C ARG B 141 13.06 -15.62 15.11
N HIS B 142 13.58 -15.49 13.90
CA HIS B 142 14.81 -14.73 13.66
C HIS B 142 14.57 -13.35 13.05
N ALA B 143 13.37 -12.79 13.23
CA ALA B 143 13.04 -11.51 12.60
C ALA B 143 14.00 -10.39 13.03
N GLU B 144 14.19 -10.21 14.32
CA GLU B 144 15.02 -9.12 14.85
C GLU B 144 16.52 -9.36 14.50
N GLU B 145 16.98 -10.59 14.68
CA GLU B 145 18.32 -11.00 14.27
C GLU B 145 18.64 -10.57 12.83
N ILE B 146 17.77 -10.98 11.91
CA ILE B 146 17.97 -10.74 10.49
C ILE B 146 17.98 -9.26 10.14
N THR B 147 17.15 -8.46 10.83
CA THR B 147 16.95 -7.08 10.39
C THR B 147 17.77 -6.02 11.12
N VAL B 148 18.55 -6.40 12.12
CA VAL B 148 19.26 -5.40 12.90
C VAL B 148 20.65 -5.12 12.35
N ASN B 149 21.07 -3.87 12.50
CA ASN B 149 22.46 -3.42 12.20
C ASN B 149 22.85 -3.59 10.72
N GLN B 150 22.01 -3.11 9.82
CA GLN B 150 22.32 -3.08 8.39
C GLN B 150 23.26 -1.89 8.11
N SER B 151 24.33 -2.14 7.39
CA SER B 151 25.31 -1.11 7.05
C SER B 151 24.71 -0.18 6.01
N LEU B 152 25.06 1.11 6.06
CA LEU B 152 24.59 2.08 5.06
C LEU B 152 25.25 1.76 3.71
N SER B 153 26.58 1.86 3.70
CA SER B 153 27.38 1.40 2.59
C SER B 153 27.28 -0.14 2.46
N MSE B 154 27.36 -0.66 1.23
CA MSE B 154 27.35 -2.11 0.98
C MSE B 154 26.09 -2.76 1.52
O MSE B 154 26.13 -3.75 2.25
CB MSE B 154 28.57 -2.78 1.62
CG MSE B 154 29.91 -2.26 1.13
SE MSE B 154 30.14 -2.46 -0.80
CE MSE B 154 29.31 -4.23 -1.02
N SER B 155 24.95 -2.19 1.13
CA SER B 155 23.65 -2.46 1.72
C SER B 155 23.21 -3.91 1.62
N LEU B 156 23.63 -4.60 0.56
CA LEU B 156 23.25 -6.00 0.34
C LEU B 156 24.47 -6.92 0.49
N GLY B 157 25.46 -6.46 1.24
CA GLY B 157 26.71 -7.17 1.45
C GLY B 157 26.71 -8.05 2.68
N GLU B 158 27.88 -8.17 3.31
CA GLU B 158 28.07 -9.13 4.37
C GLU B 158 27.42 -8.73 5.69
N GLU B 159 27.06 -7.47 5.86
CA GLU B 159 26.35 -7.02 7.08
C GLU B 159 24.83 -6.98 6.87
N SER B 160 24.33 -7.53 5.76
CA SER B 160 22.91 -7.40 5.41
C SER B 160 22.07 -8.64 5.78
N PRO B 161 20.72 -8.49 5.71
CA PRO B 161 19.81 -9.61 5.87
C PRO B 161 20.08 -10.77 4.93
N LEU B 162 20.63 -10.51 3.76
CA LEU B 162 20.93 -11.59 2.83
C LEU B 162 21.95 -12.56 3.45
N ARG B 163 22.96 -12.01 4.10
CA ARG B 163 23.99 -12.82 4.75
C ARG B 163 23.41 -13.56 5.97
N LYS B 164 22.54 -12.90 6.72
CA LYS B 164 21.91 -13.54 7.86
C LYS B 164 21.06 -14.74 7.43
N ILE B 165 20.37 -14.61 6.30
CA ILE B 165 19.61 -15.73 5.74
C ILE B 165 20.56 -16.84 5.30
N TYR B 166 21.71 -16.43 4.75
CA TYR B 166 22.75 -17.35 4.31
C TYR B 166 23.30 -18.14 5.49
N ASP B 167 23.65 -17.44 6.56
CA ASP B 167 24.16 -18.09 7.78
C ASP B 167 23.10 -19.05 8.34
N LEU B 168 21.83 -18.69 8.23
CA LEU B 168 20.73 -19.55 8.70
C LEU B 168 20.40 -20.71 7.74
N ASP B 169 21.10 -20.80 6.61
CA ASP B 169 20.81 -21.83 5.59
C ASP B 169 19.35 -21.76 5.13
N GLY B 170 18.86 -20.55 4.92
CA GLY B 170 17.47 -20.33 4.56
C GLY B 170 17.10 -20.62 3.11
N TYR B 171 15.83 -20.37 2.80
CA TYR B 171 15.26 -20.70 1.51
C TYR B 171 14.80 -19.45 0.77
N ILE B 172 14.69 -19.57 -0.55
CA ILE B 172 14.13 -18.51 -1.37
C ILE B 172 12.89 -19.10 -2.02
N LEU B 173 11.77 -18.38 -1.90
CA LEU B 173 10.53 -18.77 -2.55
C LEU B 173 10.18 -17.70 -3.54
N LEU B 174 10.18 -18.05 -4.82
CA LEU B 174 9.73 -17.15 -5.87
C LEU B 174 8.30 -17.50 -6.28
N ILE B 175 7.37 -16.57 -6.08
CA ILE B 175 5.97 -16.79 -6.52
C ILE B 175 5.60 -16.01 -7.78
N GLY B 176 5.55 -16.70 -8.92
CA GLY B 176 5.12 -16.06 -10.19
C GLY B 176 6.05 -15.00 -10.73
N VAL B 177 7.30 -15.02 -10.26
CA VAL B 177 8.33 -14.08 -10.67
C VAL B 177 9.64 -14.85 -10.89
N GLY B 178 10.52 -14.28 -11.69
CA GLY B 178 11.74 -14.95 -12.11
C GLY B 178 12.92 -14.47 -11.30
N TYR B 179 14.13 -14.84 -11.75
CA TYR B 179 15.34 -14.61 -10.99
C TYR B 179 15.78 -13.15 -10.94
N ASP B 180 15.32 -12.33 -11.86
CA ASP B 180 15.59 -10.88 -11.79
C ASP B 180 14.92 -10.20 -10.57
N SER B 181 14.03 -10.92 -9.88
CA SER B 181 13.52 -10.47 -8.61
C SER B 181 14.21 -11.17 -7.43
N ASN B 182 15.22 -11.99 -7.68
CA ASN B 182 15.83 -12.82 -6.66
C ASN B 182 16.97 -12.05 -5.96
N THR B 183 16.56 -11.28 -4.95
CA THR B 183 17.40 -10.30 -4.29
C THR B 183 18.71 -10.90 -3.77
N SER B 184 18.66 -12.15 -3.33
CA SER B 184 19.83 -12.78 -2.72
C SER B 184 21.05 -12.83 -3.65
N VAL B 185 20.82 -12.83 -4.96
CA VAL B 185 21.93 -12.95 -5.90
C VAL B 185 22.80 -11.69 -5.92
N HIS B 186 22.30 -10.58 -5.39
CA HIS B 186 23.15 -9.41 -5.18
C HIS B 186 24.34 -9.69 -4.26
N LEU B 187 24.17 -10.62 -3.31
CA LEU B 187 25.29 -11.02 -2.44
C LEU B 187 26.42 -11.70 -3.23
N SER B 188 26.04 -12.48 -4.24
CA SER B 188 26.98 -13.00 -5.24
C SER B 188 27.75 -11.87 -5.92
N GLU B 189 27.03 -10.82 -6.31
CA GLU B 189 27.62 -9.61 -6.91
C GLU B 189 28.66 -8.97 -5.99
N VAL B 190 28.29 -8.85 -4.73
CA VAL B 190 29.18 -8.28 -3.71
C VAL B 190 30.41 -9.18 -3.55
N ARG B 191 30.18 -10.49 -3.41
CA ARG B 191 31.26 -11.44 -3.18
C ARG B 191 32.23 -11.53 -4.34
N SER B 192 31.71 -11.49 -5.57
CA SER B 192 32.55 -11.62 -6.76
C SER B 192 33.14 -10.29 -7.20
N GLY B 193 32.71 -9.18 -6.60
CA GLY B 193 33.09 -7.85 -7.08
C GLY B 193 32.61 -7.61 -8.52
N ALA B 194 31.38 -8.01 -8.80
CA ALA B 194 30.88 -8.03 -10.18
C ALA B 194 30.37 -6.65 -10.62
N CYS B 195 29.97 -5.81 -9.67
CA CYS B 195 29.71 -4.40 -9.95
C CYS B 195 30.86 -3.52 -9.47
N GLU B 196 30.87 -2.27 -9.94
CA GLU B 196 31.77 -1.25 -9.40
C GLU B 196 31.03 -0.53 -8.26
N LEU B 197 31.80 0.23 -7.47
CA LEU B 197 31.23 1.13 -6.47
C LEU B 197 30.68 2.38 -7.16
N ILE B 198 29.67 3.02 -6.55
CA ILE B 198 29.18 4.32 -7.02
C ILE B 198 28.86 5.28 -5.88
N LYS B 199 28.78 6.56 -6.23
CA LYS B 199 28.33 7.60 -5.31
C LYS B 199 26.81 7.59 -5.29
N VAL B 200 26.24 7.38 -4.12
CA VAL B 200 24.78 7.39 -3.92
C VAL B 200 24.44 8.26 -2.73
N GLY B 201 23.15 8.37 -2.43
CA GLY B 201 22.69 9.16 -1.30
C GLY B 201 21.32 8.72 -0.86
N ALA B 202 20.93 9.16 0.33
CA ALA B 202 19.58 8.92 0.83
C ALA B 202 19.25 9.89 1.96
N PRO B 203 17.96 10.16 2.16
CA PRO B 203 17.56 11.01 3.26
C PRO B 203 17.30 10.14 4.49
N ILE B 204 17.94 10.49 5.60
CA ILE B 204 17.75 9.76 6.86
C ILE B 204 17.47 10.72 8.01
N ILE B 205 16.91 10.21 9.10
CA ILE B 205 16.86 10.95 10.35
C ILE B 205 18.18 10.74 11.08
N GLU B 206 18.94 11.82 11.22
CA GLU B 206 20.21 11.83 11.93
C GLU B 206 20.06 12.78 13.11
N ASN B 207 20.52 12.32 14.28
CA ASN B 207 20.49 13.13 15.49
C ASN B 207 19.31 14.09 15.54
N GLY B 208 18.11 13.59 15.26
CA GLY B 208 16.87 14.38 15.32
C GLY B 208 16.33 14.88 13.98
N GLU B 209 17.19 15.50 13.18
CA GLU B 209 16.78 16.16 11.93
C GLU B 209 16.86 15.24 10.70
N ARG B 210 16.19 15.69 9.63
CA ARG B 210 16.43 15.19 8.28
C ARG B 210 17.82 15.58 7.83
N VAL B 211 18.52 14.64 7.20
CA VAL B 211 19.83 14.86 6.61
C VAL B 211 19.93 14.07 5.31
N TRP B 212 20.33 14.73 4.23
CA TRP B 212 20.71 13.99 3.03
C TRP B 212 22.09 13.43 3.35
N LYS B 213 22.24 12.10 3.26
CA LYS B 213 23.50 11.45 3.61
C LYS B 213 24.12 10.81 2.38
N GLU B 214 25.36 11.17 2.09
CA GLU B 214 26.07 10.69 0.91
C GLU B 214 26.94 9.53 1.33
N PHE B 215 26.74 8.38 0.70
CA PHE B 215 27.55 7.19 0.97
C PHE B 215 27.85 6.45 -0.33
N VAL B 216 28.62 5.38 -0.21
CA VAL B 216 29.00 4.58 -1.38
C VAL B 216 28.37 3.19 -1.30
N ASP B 217 27.94 2.68 -2.44
CA ASP B 217 27.39 1.34 -2.52
C ASP B 217 27.69 0.74 -3.89
N MSE B 218 27.45 -0.56 -4.01
CA MSE B 218 27.61 -1.28 -5.27
C MSE B 218 26.56 -0.85 -6.27
O MSE B 218 25.42 -0.59 -5.89
CB MSE B 218 27.44 -2.78 -5.03
CG MSE B 218 28.54 -3.39 -4.21
SE MSE B 218 30.10 -3.63 -5.30
CE MSE B 218 29.45 -5.20 -6.31
N ASP B 219 26.93 -0.80 -7.53
CA ASP B 219 25.99 -0.54 -8.60
C ASP B 219 25.24 -1.86 -8.87
N TYR B 220 24.28 -2.16 -7.99
CA TYR B 220 23.55 -3.43 -8.08
C TYR B 220 22.80 -3.54 -9.41
N ASP B 221 23.10 -4.60 -10.13
CA ASP B 221 22.59 -4.84 -11.48
C ASP B 221 22.07 -6.27 -11.52
N SER B 222 20.79 -6.43 -11.80
CA SER B 222 20.16 -7.74 -11.83
C SER B 222 20.02 -8.27 -13.25
N ASP B 223 20.63 -7.58 -14.23
CA ASP B 223 20.40 -7.90 -15.64
C ASP B 223 21.01 -9.26 -16.04
N LYS B 224 21.98 -9.74 -15.27
CA LYS B 224 22.55 -11.05 -15.49
C LYS B 224 21.84 -12.17 -14.70
N PHE B 225 20.91 -11.82 -13.82
CA PHE B 225 20.31 -12.81 -12.91
C PHE B 225 19.52 -13.90 -13.63
N VAL B 226 18.76 -13.52 -14.66
CA VAL B 226 17.96 -14.47 -15.42
C VAL B 226 18.87 -15.53 -16.02
N GLU B 227 19.95 -15.08 -16.66
CA GLU B 227 20.90 -15.98 -17.29
C GLU B 227 21.55 -16.94 -16.27
N ILE B 228 21.92 -16.42 -15.10
CA ILE B 228 22.46 -17.24 -14.02
C ILE B 228 21.45 -18.30 -13.58
N GLY B 229 20.20 -17.88 -13.42
CA GLY B 229 19.13 -18.75 -12.93
C GLY B 229 18.87 -19.94 -13.83
N VAL B 230 18.85 -19.69 -15.14
CA VAL B 230 18.69 -20.75 -16.13
C VAL B 230 19.76 -21.81 -15.98
N GLU B 231 21.00 -21.36 -15.84
CA GLU B 231 22.12 -22.28 -15.73
C GLU B 231 22.10 -23.03 -14.40
N PHE B 232 21.66 -22.35 -13.34
CA PHE B 232 21.58 -22.95 -12.03
C PHE B 232 20.58 -24.12 -11.99
N GLU B 233 19.48 -24.00 -12.73
CA GLU B 233 18.39 -25.00 -12.64
C GLU B 233 18.67 -26.32 -13.36
N GLN B 234 19.71 -26.33 -14.18
CA GLN B 234 20.23 -27.56 -14.78
C GLN B 234 20.86 -28.47 -13.71
N LYS B 235 21.32 -27.85 -12.62
CA LYS B 235 21.79 -28.58 -11.43
C LYS B 235 20.69 -29.44 -10.78
N GLY B 236 19.43 -29.06 -11.00
CA GLY B 236 18.28 -29.82 -10.53
C GLY B 236 17.84 -29.57 -9.09
N THR B 237 18.42 -28.57 -8.44
CA THR B 237 18.17 -28.32 -7.01
C THR B 237 17.13 -27.22 -6.77
N VAL B 238 16.08 -27.19 -7.60
CA VAL B 238 15.01 -26.21 -7.48
C VAL B 238 13.66 -26.91 -7.62
N THR B 239 12.82 -26.78 -6.59
CA THR B 239 11.48 -27.38 -6.60
C THR B 239 10.52 -26.47 -7.34
N MSE B 240 9.87 -27.00 -8.37
CA MSE B 240 8.85 -26.28 -9.12
C MSE B 240 7.50 -26.65 -8.53
O MSE B 240 7.29 -27.78 -8.07
CB MSE B 240 8.83 -26.65 -10.60
CG MSE B 240 10.18 -26.79 -11.28
SE MSE B 240 11.17 -25.11 -11.39
CE MSE B 240 12.70 -25.73 -12.46
N GLY B 241 6.58 -25.68 -8.54
CA GLY B 241 5.21 -25.94 -8.13
C GLY B 241 4.29 -24.80 -8.49
N LYS B 242 3.00 -25.04 -8.30
CA LYS B 242 1.99 -24.06 -8.61
C LYS B 242 1.38 -23.57 -7.31
N ILE B 243 1.21 -22.27 -7.22
CA ILE B 243 0.26 -21.67 -6.29
C ILE B 243 -0.78 -21.01 -7.17
N GLY B 244 -1.93 -21.66 -7.32
CA GLY B 244 -2.92 -21.25 -8.30
C GLY B 244 -2.38 -21.36 -9.71
N ASN B 245 -2.37 -20.24 -10.43
CA ASN B 245 -1.83 -20.17 -11.80
C ASN B 245 -0.32 -19.88 -11.86
N ALA B 246 0.26 -19.38 -10.78
CA ALA B 246 1.65 -18.93 -10.77
C ALA B 246 2.62 -20.09 -10.74
N LYS B 247 3.60 -20.06 -11.64
CA LYS B 247 4.70 -21.01 -11.60
C LYS B 247 5.67 -20.51 -10.55
N CYS B 248 6.00 -21.37 -9.59
CA CYS B 248 6.85 -21.00 -8.46
C CYS B 248 8.12 -21.82 -8.39
N ARG B 249 9.06 -21.31 -7.60
CA ARG B 249 10.35 -21.95 -7.40
C ARG B 249 10.74 -21.85 -5.95
N LEU B 250 11.15 -22.96 -5.37
CA LEU B 250 11.65 -23.00 -4.01
C LEU B 250 13.07 -23.55 -4.07
N MSE B 251 14.00 -22.92 -3.37
CA MSE B 251 15.40 -23.34 -3.40
C MSE B 251 16.12 -22.90 -2.13
O MSE B 251 15.64 -22.02 -1.41
CB MSE B 251 16.11 -22.72 -4.61
CG MSE B 251 16.37 -21.22 -4.46
SE MSE B 251 16.59 -20.25 -6.16
CE MSE B 251 14.71 -20.31 -6.73
N LYS B 252 17.27 -23.50 -1.86
CA LYS B 252 18.11 -23.10 -0.75
C LYS B 252 18.89 -21.87 -1.14
N GLN B 253 18.98 -20.89 -0.24
CA GLN B 253 19.65 -19.64 -0.57
C GLN B 253 21.18 -19.77 -0.74
N ARG B 254 21.82 -20.63 0.05
CA ARG B 254 23.27 -20.82 -0.06
C ARG B 254 23.66 -21.41 -1.42
N ASP B 255 22.81 -22.30 -1.91
CA ASP B 255 22.95 -22.90 -3.24
C ASP B 255 23.13 -21.85 -4.33
N ILE B 256 22.11 -21.01 -4.50
CA ILE B 256 22.09 -20.04 -5.59
C ILE B 256 23.19 -18.97 -5.38
N VAL B 257 23.37 -18.53 -4.15
CA VAL B 257 24.37 -17.49 -3.86
C VAL B 257 25.80 -17.94 -4.22
N ASP B 258 26.16 -19.16 -3.83
CA ASP B 258 27.46 -19.71 -4.15
C ASP B 258 27.61 -19.93 -5.67
N PHE B 259 26.60 -20.53 -6.29
CA PHE B 259 26.62 -20.70 -7.74
C PHE B 259 26.87 -19.34 -8.40
N GLY B 260 26.11 -18.33 -7.98
CA GLY B 260 26.24 -16.97 -8.53
C GLY B 260 27.63 -16.38 -8.36
N THR B 261 28.19 -16.49 -7.15
CA THR B 261 29.53 -15.97 -6.89
C THR B 261 30.51 -16.60 -7.86
N GLU B 262 30.46 -17.93 -7.96
CA GLU B 262 31.26 -18.67 -8.92
C GLU B 262 31.01 -18.22 -10.37
N TRP B 263 29.74 -17.98 -10.70
CA TRP B 263 29.37 -17.55 -12.05
C TRP B 263 30.00 -16.20 -12.44
N PHE B 264 29.91 -15.23 -11.52
CA PHE B 264 30.46 -13.89 -11.77
C PHE B 264 31.99 -13.82 -11.88
N ARG B 265 32.69 -14.62 -11.10
N ARG B 265 32.70 -14.62 -11.09
CA ARG B 265 34.17 -14.60 -11.09
CA ARG B 265 34.16 -14.64 -11.07
C ARG B 265 34.79 -15.14 -12.37
C ARG B 265 34.75 -15.10 -12.40
N LYS B 266 34.10 -16.07 -13.05
CA LYS B 266 34.56 -16.55 -14.36
C LYS B 266 34.02 -15.69 -15.52
N LYS B 267 33.38 -14.56 -15.20
CA LYS B 267 32.75 -13.67 -16.17
C LYS B 267 31.78 -14.42 -17.08
CL CL C . -12.90 23.13 10.78
CL CL D . -33.11 17.11 7.13
CL CL E . -6.96 17.35 -12.01
N1A ACO F . 4.43 11.41 -8.02
C2A ACO F . 3.31 11.40 -8.69
N3A ACO F . 2.67 10.32 -9.02
C4A ACO F . 3.13 9.14 -8.67
C5A ACO F . 4.35 9.05 -7.92
C6A ACO F . 5.01 10.30 -7.58
N6A ACO F . 6.17 10.36 -6.92
N7A ACO F . 4.53 7.77 -7.72
C8A ACO F . 3.55 7.12 -8.29
N9A ACO F . 2.71 7.93 -8.86
C1B ACO F . 1.47 7.60 -9.55
C2B ACO F . 1.49 6.27 -10.24
O2B ACO F . 0.97 6.51 -11.50
C3B ACO F . 0.50 5.50 -9.40
O3B ACO F . -0.18 4.47 -10.02
P3B ACO F . 0.22 2.96 -9.92
O7A ACO F . -0.60 2.47 -11.02
O8A ACO F . 1.66 2.97 -10.14
O9A ACO F . -0.14 2.41 -8.65
C4B ACO F . -0.44 6.53 -8.85
O4B ACO F . 0.53 7.48 -8.57
C5B ACO F . -1.14 6.07 -7.59
O5B ACO F . -1.97 7.06 -7.06
P1A ACO F . -3.43 6.86 -6.81
O1A ACO F . -3.52 5.66 -6.08
O2A ACO F . -3.90 8.04 -6.22
O3A ACO F . -4.10 6.52 -8.17
P2A ACO F . -4.59 7.55 -9.25
O4A ACO F . -4.76 6.89 -10.47
O5A ACO F . -3.79 8.72 -9.16
O6A ACO F . -6.03 7.82 -8.90
CBP ACO F . -7.93 6.95 -7.60
CCP ACO F . -6.93 6.79 -8.75
CDP ACO F . -7.25 6.80 -6.27
CEP ACO F . -8.95 5.87 -7.71
CAP ACO F . -8.61 8.32 -7.63
OAP ACO F . -8.99 8.67 -8.92
C9P ACO F . -9.73 8.45 -6.69
O9P ACO F . -10.82 8.22 -7.00
N8P ACO F . -9.43 8.88 -5.50
C7P ACO F . -10.46 9.17 -4.59
C6P ACO F . -10.89 7.96 -3.80
C5P ACO F . -11.93 8.21 -2.74
O5P ACO F . -11.74 8.97 -1.85
N4P ACO F . -13.01 7.52 -2.87
C3P ACO F . -14.16 7.75 -2.09
C2P ACO F . -15.29 6.79 -2.41
S1P ACO F . -16.67 7.03 -1.34
N1 URA G . -16.07 -5.26 -5.59
C2 URA G . -16.14 -5.53 -6.92
O2 URA G . -17.01 -4.97 -7.63
N3 URA G . -15.31 -6.43 -7.48
C4 URA G . -14.38 -7.05 -6.75
O4 URA G . -13.62 -7.87 -7.29
C5 URA G . -14.27 -6.77 -5.39
C6 URA G . -15.15 -5.85 -4.83
N1A ACO H . -6.44 -11.39 -6.54
C2A ACO H . -5.56 -11.37 -7.49
N3A ACO H . -5.00 -10.32 -8.00
C4A ACO H . -5.35 -9.13 -7.59
C5A ACO H . -6.32 -9.05 -6.51
C6A ACO H . -6.88 -10.29 -5.99
N6A ACO H . -7.78 -10.35 -5.03
N7A ACO H . -6.45 -7.77 -6.30
C8A ACO H . -5.65 -7.12 -7.15
N9A ACO H . -5.00 -7.94 -7.92
C1B ACO H . -4.01 -7.60 -8.95
C2B ACO H . -4.18 -6.22 -9.54
O2B ACO H . -3.85 -6.32 -10.88
C3B ACO H . -3.06 -5.43 -8.96
O3B ACO H . -2.56 -4.54 -9.90
P3B ACO H . -2.75 -2.98 -10.01
O7A ACO H . -2.43 -2.84 -11.42
O8A ACO H . -4.10 -2.62 -9.74
O9A ACO H . -1.77 -2.42 -9.10
C4B ACO H . -2.04 -6.50 -8.70
O4B ACO H . -2.78 -7.59 -8.35
C5B ACO H . -1.11 -6.17 -7.54
O5B ACO H . -0.19 -7.20 -7.33
P1A ACO H . 1.33 -6.91 -7.26
O1A ACO H . 1.97 -8.15 -6.99
O2A ACO H . 1.69 -5.74 -6.61
O3A ACO H . 1.64 -6.62 -8.76
P2A ACO H . 1.89 -7.66 -9.92
O4A ACO H . 1.63 -6.86 -11.08
O5A ACO H . 1.29 -8.92 -9.74
O6A ACO H . 3.41 -7.85 -10.00
CBP ACO H . 5.58 -7.00 -9.25
CCP ACO H . 4.31 -6.78 -10.04
CDP ACO H . 5.30 -6.89 -7.75
CEP ACO H . 6.55 -5.92 -9.62
CAP ACO H . 6.25 -8.35 -9.49
OAP ACO H . 6.31 -8.63 -10.87
C9P ACO H . 7.61 -8.40 -8.88
O9P ACO H . 8.54 -8.00 -9.48
N8P ACO H . 7.67 -8.88 -7.66
C7P ACO H . 8.87 -9.17 -6.91
C6P ACO H . 9.62 -7.94 -6.52
C5P ACO H . 10.81 -8.17 -5.62
O5P ACO H . 10.69 -8.84 -4.66
N4P ACO H . 11.90 -7.53 -5.98
C3P ACO H . 13.23 -7.71 -5.42
C2P ACO H . 14.35 -7.02 -6.20
S1P ACO H . 16.01 -7.05 -5.55
N1 URA I . 13.79 5.31 -9.72
C2 URA I . 13.54 5.64 -10.99
O2 URA I . 14.17 5.09 -11.93
N3 URA I . 12.64 6.58 -11.29
C4 URA I . 11.93 7.20 -10.32
O4 URA I . 11.08 8.07 -10.63
C5 URA I . 12.16 6.86 -8.99
C6 URA I . 13.13 5.90 -8.70
#